data_6OML
#
_entry.id   6OML
#
_cell.length_a   67.779
_cell.length_b   67.779
_cell.length_c   148.011
_cell.angle_alpha   90.00
_cell.angle_beta   90.00
_cell.angle_gamma   90.00
#
_symmetry.space_group_name_H-M   'P 43 21 2'
#
loop_
_entity.id
_entity.type
_entity.pdbx_description
1 polymer 'Bone morphogenetic protein 2 and Bone morphogenetic protein 6'
2 branched alpha-D-mannopyranose-(1-2)-alpha-D-mannopyranose-(1-3)-[alpha-D-mannopyranose-(1-6)]beta-D-mannopyranose-(1-4)-2-acetamido-2-deoxy-beta-D-glucopyranose-(1-4)-2-acetamido-2-deoxy-beta-D-glucopyranose
3 non-polymer 2-acetamido-2-deoxy-beta-D-glucopyranose
4 water water
#
_entity_poly.entity_id   1
_entity_poly.type   'polypeptide(L)'
_entity_poly.pdbx_seq_one_letter_code
;KSSCKRHPLYVDFSDVGWNDWIVAPPGYHAFYCDGECSFPLNAHMNATNHAIVQTLVHLMNPEYVPKPCCAPTELSAISM
LYLDENEKVVLKNYQDMVVEGCGCR
;
_entity_poly.pdbx_strand_id   X,Y
#
loop_
_chem_comp.id
_chem_comp.type
_chem_comp.name
_chem_comp.formula
BMA D-saccharide, beta linking beta-D-mannopyranose 'C6 H12 O6'
MAN D-saccharide, alpha linking alpha-D-mannopyranose 'C6 H12 O6'
NAG D-saccharide, beta linking 2-acetamido-2-deoxy-beta-D-glucopyranose 'C8 H15 N O6'
#
# COMPACT_ATOMS: atom_id res chain seq x y z
N LYS A 1 -2.47 14.08 8.19
CA LYS A 1 -2.23 15.51 8.44
C LYS A 1 -1.79 16.29 7.19
N SER A 2 -1.27 15.59 6.14
CA SER A 2 -0.88 16.27 4.90
C SER A 2 -1.07 15.34 3.69
N SER A 3 -0.76 15.81 2.46
CA SER A 3 -1.13 15.12 1.24
C SER A 3 -0.10 14.02 0.94
N CYS A 4 -0.58 12.82 0.50
CA CYS A 4 0.28 11.68 0.18
C CYS A 4 1.49 12.08 -0.65
N LYS A 5 2.71 11.76 -0.14
CA LYS A 5 4.03 11.95 -0.76
C LYS A 5 5.07 11.16 0.01
N ARG A 6 6.25 10.93 -0.64
CA ARG A 6 7.40 10.24 -0.06
C ARG A 6 8.17 11.23 0.80
N HIS A 7 8.63 10.79 1.96
CA HIS A 7 9.40 11.60 2.90
C HIS A 7 10.77 10.94 3.13
N PRO A 8 11.80 11.69 3.54
CA PRO A 8 13.08 11.04 3.79
C PRO A 8 13.10 10.34 5.16
N LEU A 9 14.03 9.36 5.32
CA LEU A 9 14.26 8.63 6.57
C LEU A 9 15.59 7.90 6.48
N TYR A 10 16.42 8.03 7.51
CA TYR A 10 17.64 7.24 7.60
C TYR A 10 17.42 6.25 8.70
N VAL A 11 17.55 4.98 8.38
CA VAL A 11 17.41 3.91 9.34
C VAL A 11 18.81 3.53 9.73
N ASP A 12 19.13 3.69 11.04
CA ASP A 12 20.40 3.27 11.64
C ASP A 12 20.12 1.90 12.28
N PHE A 13 20.89 0.88 11.86
CA PHE A 13 20.70 -0.50 12.30
C PHE A 13 20.92 -0.78 13.76
N SER A 14 21.77 0.03 14.42
CA SER A 14 21.98 -0.15 15.85
C SER A 14 20.72 0.31 16.63
N ASP A 15 20.07 1.41 16.18
CA ASP A 15 18.85 1.96 16.76
C ASP A 15 17.68 0.98 16.71
N VAL A 16 17.54 0.19 15.62
CA VAL A 16 16.48 -0.82 15.48
C VAL A 16 16.86 -2.19 16.15
N GLY A 17 18.07 -2.28 16.68
CA GLY A 17 18.61 -3.51 17.30
C GLY A 17 19.05 -4.58 16.32
N TRP A 18 19.60 -4.20 15.14
CA TRP A 18 20.03 -5.10 14.06
C TRP A 18 21.55 -5.04 13.74
N ASN A 19 22.34 -4.35 14.58
CA ASN A 19 23.79 -4.17 14.44
C ASN A 19 24.54 -5.47 14.71
N ASP A 20 23.87 -6.43 15.30
CA ASP A 20 24.38 -7.74 15.69
C ASP A 20 24.39 -8.73 14.55
N TRP A 21 23.40 -8.67 13.64
CA TRP A 21 23.36 -9.65 12.55
C TRP A 21 23.79 -9.07 11.20
N ILE A 22 23.57 -7.74 11.00
CA ILE A 22 23.97 -7.03 9.77
C ILE A 22 25.39 -6.49 10.00
N VAL A 23 26.41 -7.19 9.45
CA VAL A 23 27.80 -6.73 9.59
C VAL A 23 28.00 -5.37 8.91
N ALA A 24 27.41 -5.20 7.69
CA ALA A 24 27.38 -3.92 6.94
C ALA A 24 26.12 -3.83 6.06
N PRO A 25 25.55 -2.64 5.78
CA PRO A 25 25.98 -1.28 6.18
C PRO A 25 25.59 -0.91 7.62
N PRO A 26 26.06 0.21 8.20
CA PRO A 26 25.61 0.57 9.57
C PRO A 26 24.16 1.07 9.60
N GLY A 27 23.66 1.45 8.44
CA GLY A 27 22.35 2.02 8.19
C GLY A 27 22.18 2.33 6.72
N TYR A 28 21.01 2.86 6.33
CA TYR A 28 20.71 3.18 4.93
C TYR A 28 19.54 4.13 4.86
N HIS A 29 19.37 4.81 3.72
CA HIS A 29 18.23 5.70 3.50
C HIS A 29 17.00 4.92 3.00
N ALA A 30 16.11 4.62 3.92
CA ALA A 30 14.86 3.93 3.62
C ALA A 30 13.93 5.07 3.49
N PHE A 31 13.01 5.08 2.59
CA PHE A 31 12.24 6.31 2.79
C PHE A 31 10.86 5.75 3.14
N TYR A 32 9.90 6.62 3.42
CA TYR A 32 8.57 6.30 3.92
C TYR A 32 7.56 7.17 3.21
N CYS A 33 6.34 6.64 3.09
CA CYS A 33 5.16 7.28 2.50
C CYS A 33 4.33 7.74 3.65
N ASP A 34 3.68 8.89 3.47
CA ASP A 34 2.82 9.51 4.47
C ASP A 34 2.00 10.64 3.81
N GLY A 35 0.78 10.79 4.29
CA GLY A 35 -0.15 11.81 3.82
C GLY A 35 -1.47 11.21 3.40
N GLU A 36 -2.51 12.02 3.41
CA GLU A 36 -3.86 11.60 3.04
C GLU A 36 -4.09 11.62 1.55
N CYS A 37 -4.91 10.68 1.10
CA CYS A 37 -5.19 10.45 -0.30
C CYS A 37 -6.36 11.35 -0.62
N SER A 38 -6.06 12.64 -0.57
CA SER A 38 -6.96 13.76 -0.69
C SER A 38 -7.15 14.36 -2.07
N PHE A 39 -6.33 13.92 -3.05
CA PHE A 39 -6.36 14.33 -4.47
C PHE A 39 -6.22 15.86 -4.74
N PRO A 40 -5.10 16.48 -4.28
CA PRO A 40 -5.00 17.96 -4.26
C PRO A 40 -5.00 18.65 -5.61
N LEU A 41 -5.05 20.00 -5.59
CA LEU A 41 -5.14 20.84 -6.76
C LEU A 41 -3.97 20.78 -7.76
N ASN A 42 -2.73 20.80 -7.25
CA ASN A 42 -1.56 20.79 -8.13
C ASN A 42 -0.60 19.66 -7.74
N ALA A 43 -1.09 18.43 -7.83
CA ALA A 43 -0.35 17.22 -7.46
C ALA A 43 -0.92 16.06 -8.23
N HIS A 44 -0.09 15.03 -8.43
CA HIS A 44 -0.51 13.83 -9.14
C HIS A 44 -0.48 12.66 -8.17
N MET A 45 -1.68 12.26 -7.69
CA MET A 45 -1.81 11.10 -6.82
C MET A 45 -1.78 9.92 -7.77
N ASN A 46 -0.79 9.03 -7.64
CA ASN A 46 -0.77 7.83 -8.46
C ASN A 46 -1.76 6.95 -7.70
N ALA A 47 -2.81 6.46 -8.35
CA ALA A 47 -3.83 5.64 -7.69
C ALA A 47 -4.37 4.50 -8.60
N THR A 48 -4.60 3.32 -8.01
CA THR A 48 -5.18 2.21 -8.76
C THR A 48 -6.67 2.55 -8.96
N ASN A 49 -7.36 1.81 -9.84
CA ASN A 49 -8.78 2.07 -10.03
C ASN A 49 -9.55 1.77 -8.75
N HIS A 50 -9.04 0.84 -7.92
CA HIS A 50 -9.64 0.49 -6.66
C HIS A 50 -9.57 1.68 -5.72
N ALA A 51 -8.42 2.37 -5.71
CA ALA A 51 -8.16 3.50 -4.83
C ALA A 51 -9.02 4.68 -5.24
N ILE A 52 -9.41 4.72 -6.52
CA ILE A 52 -10.31 5.75 -7.04
C ILE A 52 -11.71 5.37 -6.63
N VAL A 53 -12.09 4.08 -6.79
CA VAL A 53 -13.41 3.59 -6.37
C VAL A 53 -13.60 3.80 -4.86
N GLN A 54 -12.61 3.43 -4.05
CA GLN A 54 -12.61 3.56 -2.59
C GLN A 54 -12.71 5.02 -2.12
N THR A 55 -12.12 5.98 -2.88
CA THR A 55 -12.15 7.41 -2.61
C THR A 55 -13.58 7.93 -2.78
N LEU A 56 -14.26 7.54 -3.87
CA LEU A 56 -15.62 7.95 -4.19
C LEU A 56 -16.55 7.46 -3.08
N VAL A 57 -16.42 6.18 -2.71
CA VAL A 57 -17.20 5.52 -1.68
C VAL A 57 -16.98 6.20 -0.33
N HIS A 58 -15.72 6.57 0.01
CA HIS A 58 -15.36 7.27 1.24
C HIS A 58 -15.99 8.64 1.34
N LEU A 59 -16.03 9.37 0.22
CA LEU A 59 -16.57 10.72 0.18
C LEU A 59 -18.07 10.71 0.41
N MET A 60 -18.75 9.67 -0.09
CA MET A 60 -20.19 9.53 0.09
C MET A 60 -20.59 8.83 1.40
N ASN A 61 -19.69 8.00 1.95
CA ASN A 61 -19.90 7.27 3.20
C ASN A 61 -18.63 7.35 4.07
N PRO A 62 -18.26 8.51 4.63
CA PRO A 62 -17.00 8.58 5.40
C PRO A 62 -16.92 7.73 6.67
N GLU A 63 -18.06 7.46 7.31
CA GLU A 63 -18.09 6.69 8.56
C GLU A 63 -17.90 5.18 8.36
N TYR A 64 -18.30 4.67 7.18
CA TYR A 64 -18.23 3.25 6.85
C TYR A 64 -16.89 2.77 6.28
N VAL A 65 -16.41 3.39 5.17
CA VAL A 65 -15.20 3.00 4.46
C VAL A 65 -14.07 4.02 4.61
N PRO A 66 -12.86 3.58 5.04
CA PRO A 66 -11.73 4.52 5.14
C PRO A 66 -11.20 4.93 3.77
N LYS A 67 -10.38 6.00 3.71
CA LYS A 67 -9.75 6.47 2.46
C LYS A 67 -8.70 5.42 2.02
N PRO A 68 -8.33 5.29 0.72
CA PRO A 68 -7.19 4.43 0.39
C PRO A 68 -5.94 4.94 1.14
N CYS A 69 -4.92 4.11 1.21
CA CYS A 69 -3.70 4.42 1.91
C CYS A 69 -2.55 4.97 1.05
N CYS A 70 -1.69 5.81 1.64
CA CYS A 70 -0.51 6.32 0.95
C CYS A 70 0.61 5.28 1.17
N ALA A 71 0.66 4.30 0.27
CA ALA A 71 1.58 3.17 0.34
C ALA A 71 2.63 3.27 -0.74
N PRO A 72 3.79 2.58 -0.60
CA PRO A 72 4.79 2.59 -1.67
C PRO A 72 4.30 1.90 -2.93
N THR A 73 4.56 2.54 -4.06
CA THR A 73 4.22 2.04 -5.38
C THR A 73 5.44 1.39 -5.99
N GLU A 74 6.61 1.91 -5.67
CA GLU A 74 7.87 1.38 -6.14
C GLU A 74 8.88 1.31 -5.02
N LEU A 75 9.43 0.13 -4.84
CA LEU A 75 10.46 -0.18 -3.86
C LEU A 75 11.67 -0.74 -4.56
N SER A 76 12.85 -0.48 -4.00
CA SER A 76 14.09 -1.02 -4.55
C SER A 76 14.84 -1.82 -3.48
N ALA A 77 15.81 -2.61 -3.94
CA ALA A 77 16.64 -3.46 -3.09
C ALA A 77 17.94 -2.78 -2.65
N ILE A 78 18.51 -3.30 -1.56
CA ILE A 78 19.80 -2.90 -1.05
C ILE A 78 20.56 -4.19 -0.73
N SER A 79 21.87 -4.17 -0.91
CA SER A 79 22.73 -5.31 -0.61
C SER A 79 23.29 -5.15 0.80
N MET A 80 23.39 -6.29 1.53
CA MET A 80 23.92 -6.31 2.89
C MET A 80 24.85 -7.47 3.14
N LEU A 81 25.76 -7.30 4.12
CA LEU A 81 26.67 -8.33 4.59
C LEU A 81 26.12 -8.77 5.94
N TYR A 82 25.54 -9.97 5.98
CA TYR A 82 24.91 -10.46 7.20
C TYR A 82 25.60 -11.72 7.74
N LEU A 83 25.30 -12.08 8.99
CA LEU A 83 25.86 -13.27 9.61
C LEU A 83 24.97 -14.47 9.31
N ASP A 84 25.59 -15.50 8.71
CA ASP A 84 25.00 -16.77 8.26
C ASP A 84 24.45 -17.64 9.41
N GLU A 85 23.75 -18.75 9.04
CA GLU A 85 23.27 -19.81 9.94
C GLU A 85 24.47 -20.48 10.63
N ASN A 86 25.64 -20.50 9.93
CA ASN A 86 26.89 -21.11 10.37
C ASN A 86 27.95 -20.08 10.81
N GLU A 87 27.50 -18.83 11.08
CA GLU A 87 28.32 -17.69 11.56
C GLU A 87 29.36 -17.12 10.55
N LYS A 88 29.03 -17.12 9.26
CA LYS A 88 29.94 -16.59 8.24
C LYS A 88 29.38 -15.38 7.50
N VAL A 89 30.20 -14.33 7.29
CA VAL A 89 29.78 -13.11 6.60
C VAL A 89 29.40 -13.41 5.15
N VAL A 90 28.13 -13.15 4.82
CA VAL A 90 27.53 -13.46 3.52
C VAL A 90 26.87 -12.23 2.90
N LEU A 91 27.07 -12.03 1.59
CA LEU A 91 26.50 -10.94 0.79
C LEU A 91 25.19 -11.43 0.16
N LYS A 92 24.10 -10.74 0.52
CA LYS A 92 22.75 -11.02 0.05
C LYS A 92 22.11 -9.71 -0.36
N ASN A 93 21.30 -9.77 -1.43
CA ASN A 93 20.61 -8.59 -1.95
C ASN A 93 19.20 -8.60 -1.36
N TYR A 94 18.93 -7.69 -0.42
CA TYR A 94 17.65 -7.59 0.29
C TYR A 94 16.61 -6.80 -0.51
N GLN A 95 15.61 -7.49 -1.03
CA GLN A 95 14.52 -6.94 -1.84
C GLN A 95 13.55 -6.07 -1.02
N ASP A 96 12.84 -5.15 -1.68
CA ASP A 96 11.81 -4.28 -1.07
C ASP A 96 12.28 -3.49 0.15
N MET A 97 13.50 -2.89 0.06
CA MET A 97 14.09 -2.14 1.16
C MET A 97 13.94 -0.64 1.13
N VAL A 98 14.03 -0.02 -0.06
CA VAL A 98 13.99 1.43 -0.25
C VAL A 98 12.74 1.82 -0.98
N VAL A 99 12.07 2.87 -0.51
CA VAL A 99 10.85 3.37 -1.12
C VAL A 99 11.27 4.33 -2.24
N GLU A 100 10.92 4.00 -3.50
CA GLU A 100 11.22 4.87 -4.63
C GLU A 100 10.10 5.85 -4.93
N GLY A 101 8.87 5.44 -4.70
CA GLY A 101 7.72 6.32 -4.92
C GLY A 101 6.49 5.91 -4.14
N CYS A 102 5.61 6.88 -3.88
CA CYS A 102 4.37 6.68 -3.12
C CYS A 102 3.13 7.00 -3.93
N GLY A 103 2.05 6.28 -3.61
CA GLY A 103 0.76 6.48 -4.23
C GLY A 103 -0.35 5.95 -3.37
N CYS A 104 -1.58 6.14 -3.83
CA CYS A 104 -2.77 5.71 -3.14
C CYS A 104 -3.16 4.33 -3.60
N ARG A 105 -3.23 3.38 -2.65
CA ARG A 105 -3.53 1.98 -2.91
C ARG A 105 -4.72 1.51 -2.04
N LYS B 1 -8.43 -0.66 14.21
CA LYS B 1 -8.45 -1.29 15.53
C LYS B 1 -7.86 -2.70 15.53
N SER B 2 -8.31 -3.60 14.64
CA SER B 2 -7.79 -4.97 14.57
C SER B 2 -6.66 -5.15 13.50
N SER B 3 -6.06 -6.34 13.38
CA SER B 3 -4.97 -6.58 12.44
C SER B 3 -5.43 -6.54 10.98
N CYS B 4 -4.49 -6.21 10.10
CA CYS B 4 -4.67 -6.04 8.66
C CYS B 4 -5.31 -7.24 7.97
N LYS B 5 -6.48 -7.01 7.41
CA LYS B 5 -7.23 -8.01 6.66
C LYS B 5 -8.14 -7.34 5.68
N ARG B 6 -8.70 -8.15 4.77
CA ARG B 6 -9.63 -7.70 3.76
C ARG B 6 -11.02 -7.69 4.38
N HIS B 7 -11.80 -6.64 4.08
CA HIS B 7 -13.17 -6.45 4.52
C HIS B 7 -14.11 -6.34 3.31
N PRO B 8 -15.36 -6.83 3.40
CA PRO B 8 -16.23 -6.73 2.21
C PRO B 8 -16.98 -5.44 1.94
N LEU B 9 -17.04 -5.07 0.65
CA LEU B 9 -17.55 -3.78 0.20
C LEU B 9 -18.20 -3.91 -1.15
N TYR B 10 -19.54 -3.87 -1.21
CA TYR B 10 -20.20 -3.89 -2.50
C TYR B 10 -20.22 -2.45 -2.93
N VAL B 11 -19.93 -2.20 -4.20
CA VAL B 11 -19.94 -0.87 -4.77
C VAL B 11 -20.99 -0.84 -5.84
N ASP B 12 -22.01 0.01 -5.66
CA ASP B 12 -23.02 0.22 -6.68
C ASP B 12 -22.48 1.31 -7.59
N PHE B 13 -22.41 1.02 -8.91
CA PHE B 13 -21.91 1.98 -9.91
C PHE B 13 -22.78 3.21 -10.05
N SER B 14 -24.11 3.07 -9.86
CA SER B 14 -25.01 4.24 -9.95
C SER B 14 -24.81 5.21 -8.76
N ASP B 15 -24.35 4.69 -7.59
CA ASP B 15 -24.03 5.51 -6.42
C ASP B 15 -22.78 6.32 -6.68
N VAL B 16 -21.73 5.72 -7.29
CA VAL B 16 -20.48 6.42 -7.59
C VAL B 16 -20.54 7.25 -8.89
N GLY B 17 -21.62 7.07 -9.65
CA GLY B 17 -21.87 7.76 -10.92
C GLY B 17 -21.22 7.16 -12.14
N TRP B 18 -20.68 5.95 -12.03
CA TRP B 18 -20.02 5.26 -13.13
C TRP B 18 -21.00 4.61 -14.14
N ASN B 19 -22.30 4.65 -13.84
CA ASN B 19 -23.34 4.10 -14.68
C ASN B 19 -23.61 4.95 -15.93
N ASP B 20 -22.89 6.09 -16.09
CA ASP B 20 -22.96 6.98 -17.25
C ASP B 20 -22.34 6.25 -18.41
N TRP B 21 -21.35 5.39 -18.12
CA TRP B 21 -20.55 4.67 -19.09
C TRP B 21 -20.54 3.17 -18.84
N ILE B 22 -20.88 2.71 -17.62
CA ILE B 22 -20.91 1.26 -17.36
C ILE B 22 -22.33 0.73 -17.55
N VAL B 23 -22.51 -0.14 -18.58
CA VAL B 23 -23.82 -0.73 -18.88
C VAL B 23 -24.05 -1.99 -18.06
N ALA B 24 -22.99 -2.74 -17.81
CA ALA B 24 -23.01 -3.94 -16.97
C ALA B 24 -21.62 -4.13 -16.36
N PRO B 25 -21.48 -4.54 -15.06
CA PRO B 25 -22.56 -4.87 -14.11
C PRO B 25 -23.15 -3.63 -13.43
N PRO B 26 -24.27 -3.73 -12.66
CA PRO B 26 -24.77 -2.52 -11.96
C PRO B 26 -23.88 -2.07 -10.79
N GLY B 27 -23.04 -2.99 -10.30
CA GLY B 27 -22.07 -2.81 -9.22
C GLY B 27 -21.21 -4.04 -8.99
N TYR B 28 -20.32 -4.04 -7.98
CA TYR B 28 -19.45 -5.20 -7.75
C TYR B 28 -18.89 -5.35 -6.34
N HIS B 29 -18.44 -6.57 -6.01
CA HIS B 29 -17.77 -6.86 -4.77
C HIS B 29 -16.32 -6.50 -4.96
N ALA B 30 -16.04 -5.24 -4.65
CA ALA B 30 -14.74 -4.63 -4.60
C ALA B 30 -14.43 -4.86 -3.17
N PHE B 31 -13.25 -5.19 -2.76
CA PHE B 31 -13.29 -5.27 -1.31
C PHE B 31 -12.26 -4.25 -0.88
N TYR B 32 -12.06 -4.04 0.43
CA TYR B 32 -11.28 -2.93 0.99
C TYR B 32 -10.31 -3.45 2.06
N CYS B 33 -9.16 -2.77 2.24
CA CYS B 33 -8.16 -3.17 3.24
C CYS B 33 -8.23 -2.31 4.44
N ASP B 34 -8.20 -2.96 5.60
CA ASP B 34 -8.23 -2.26 6.90
C ASP B 34 -7.63 -3.07 8.02
N GLY B 35 -7.06 -2.36 8.97
CA GLY B 35 -6.44 -3.01 10.12
C GLY B 35 -5.01 -2.56 10.37
N GLU B 36 -4.49 -2.97 11.51
CA GLU B 36 -3.14 -2.58 11.93
C GLU B 36 -2.03 -3.48 11.43
N CYS B 37 -0.87 -2.87 11.26
CA CYS B 37 0.37 -3.50 10.87
C CYS B 37 1.29 -3.20 12.02
N SER B 38 1.20 -4.05 13.04
CA SER B 38 1.98 -3.91 14.27
C SER B 38 3.01 -5.01 14.43
N PHE B 39 4.11 -4.68 15.11
CA PHE B 39 5.15 -5.64 15.46
C PHE B 39 4.62 -6.77 16.39
N PRO B 40 5.01 -8.06 16.14
CA PRO B 40 5.80 -8.56 15.01
C PRO B 40 4.90 -8.99 13.84
N LEU B 41 5.26 -8.62 12.61
CA LEU B 41 4.48 -8.99 11.45
C LEU B 41 4.71 -10.46 11.08
N ASN B 42 3.62 -11.25 10.95
CA ASN B 42 3.69 -12.66 10.56
C ASN B 42 3.59 -12.83 9.03
N ALA B 43 3.96 -14.04 8.53
CA ALA B 43 3.93 -14.41 7.11
C ALA B 43 2.63 -14.04 6.38
N HIS B 44 1.47 -14.15 7.08
CA HIS B 44 0.13 -13.81 6.59
C HIS B 44 -0.05 -12.30 6.34
N MET B 45 0.74 -11.45 7.03
CA MET B 45 0.68 -9.99 6.86
C MET B 45 1.17 -9.52 5.50
N ASN B 46 1.71 -10.43 4.65
CA ASN B 46 2.21 -10.17 3.30
C ASN B 46 3.08 -8.92 3.26
N ALA B 47 3.88 -8.74 4.32
CA ALA B 47 4.73 -7.59 4.49
C ALA B 47 5.95 -7.57 3.57
N THR B 48 6.46 -6.39 3.32
CA THR B 48 7.67 -6.16 2.57
C THR B 48 8.75 -5.97 3.65
N ASN B 49 10.04 -6.11 3.27
CA ASN B 49 11.12 -5.88 4.21
C ASN B 49 11.04 -4.45 4.75
N HIS B 50 10.73 -3.49 3.86
CA HIS B 50 10.56 -2.09 4.26
C HIS B 50 9.46 -1.90 5.31
N ALA B 51 8.31 -2.61 5.16
CA ALA B 51 7.20 -2.55 6.13
C ALA B 51 7.73 -3.08 7.51
N ILE B 52 8.59 -4.13 7.51
CA ILE B 52 9.21 -4.71 8.72
C ILE B 52 10.16 -3.69 9.34
N VAL B 53 10.93 -2.96 8.52
CA VAL B 53 11.84 -1.91 8.99
C VAL B 53 11.03 -0.74 9.58
N GLN B 54 10.05 -0.23 8.80
CA GLN B 54 9.19 0.87 9.22
C GLN B 54 8.45 0.57 10.52
N THR B 55 8.16 -0.73 10.76
CA THR B 55 7.49 -1.24 11.96
C THR B 55 8.31 -0.88 13.21
N LEU B 56 9.63 -1.15 13.16
CA LEU B 56 10.59 -0.92 14.21
C LEU B 56 10.86 0.59 14.42
N VAL B 57 11.04 1.34 13.31
CA VAL B 57 11.30 2.77 13.29
C VAL B 57 10.16 3.52 13.98
N HIS B 58 8.91 3.18 13.67
CA HIS B 58 7.74 3.78 14.30
C HIS B 58 7.70 3.55 15.83
N LEU B 59 8.15 2.37 16.32
CA LEU B 59 8.16 2.09 17.78
C LEU B 59 8.97 3.12 18.57
N MET B 60 10.12 3.55 18.02
CA MET B 60 10.99 4.55 18.63
C MET B 60 10.73 6.00 18.21
N ASN B 61 9.99 6.21 17.11
CA ASN B 61 9.63 7.55 16.64
C ASN B 61 8.16 7.58 16.22
N PRO B 62 7.21 7.32 17.15
CA PRO B 62 5.79 7.28 16.74
C PRO B 62 5.19 8.64 16.37
N GLU B 63 5.88 9.74 16.71
CA GLU B 63 5.46 11.11 16.41
C GLU B 63 5.76 11.49 14.96
N TYR B 64 6.94 11.10 14.45
CA TYR B 64 7.40 11.40 13.10
C TYR B 64 7.15 10.26 12.09
N VAL B 65 7.36 8.97 12.47
CA VAL B 65 7.16 7.86 11.51
C VAL B 65 5.89 7.03 11.73
N PRO B 66 5.00 6.91 10.72
CA PRO B 66 3.81 6.07 10.88
C PRO B 66 4.11 4.59 10.82
N LYS B 67 3.14 3.75 11.19
CA LYS B 67 3.28 2.31 11.06
C LYS B 67 3.12 2.01 9.53
N PRO B 68 3.57 0.83 9.00
CA PRO B 68 3.26 0.49 7.60
C PRO B 68 1.75 0.43 7.46
N CYS B 69 1.24 0.50 6.23
CA CYS B 69 -0.20 0.47 6.12
C CYS B 69 -0.80 -0.73 5.48
N CYS B 70 -2.07 -0.96 5.79
CA CYS B 70 -2.84 -2.08 5.31
C CYS B 70 -3.41 -1.74 3.93
N ALA B 71 -2.73 -2.22 2.88
CA ALA B 71 -3.08 -1.94 1.49
C ALA B 71 -3.22 -3.21 0.66
N PRO B 72 -3.98 -3.19 -0.47
CA PRO B 72 -4.09 -4.40 -1.30
C PRO B 72 -2.75 -4.84 -1.88
N THR B 73 -2.47 -6.14 -1.84
CA THR B 73 -1.21 -6.71 -2.32
C THR B 73 -1.39 -7.47 -3.60
N GLU B 74 -2.62 -7.95 -3.82
CA GLU B 74 -3.09 -8.68 -5.00
C GLU B 74 -4.45 -8.05 -5.39
N LEU B 75 -4.53 -7.49 -6.60
CA LEU B 75 -5.79 -6.93 -7.12
C LEU B 75 -6.18 -7.73 -8.33
N SER B 76 -7.47 -7.94 -8.53
CA SER B 76 -7.93 -8.64 -9.73
C SER B 76 -8.81 -7.72 -10.60
N ALA B 77 -9.09 -8.12 -11.84
CA ALA B 77 -9.88 -7.34 -12.79
C ALA B 77 -11.30 -7.83 -12.84
N ILE B 78 -12.21 -7.00 -13.35
CA ILE B 78 -13.60 -7.38 -13.54
C ILE B 78 -14.01 -7.20 -14.98
N SER B 79 -14.85 -8.08 -15.49
CA SER B 79 -15.28 -7.95 -16.87
C SER B 79 -16.46 -7.04 -16.89
N MET B 80 -16.36 -5.97 -17.66
CA MET B 80 -17.48 -5.05 -17.78
C MET B 80 -17.84 -4.65 -19.17
N LEU B 81 -19.15 -4.45 -19.41
CA LEU B 81 -19.76 -3.99 -20.65
C LEU B 81 -19.92 -2.45 -20.46
N TYR B 82 -19.17 -1.66 -21.28
CA TYR B 82 -19.13 -0.21 -21.14
C TYR B 82 -18.82 0.60 -22.40
N LEU B 83 -19.20 1.89 -22.38
CA LEU B 83 -18.90 2.87 -23.42
C LEU B 83 -17.41 3.27 -23.40
N ASP B 84 -16.73 2.92 -24.49
CA ASP B 84 -15.33 3.18 -24.82
C ASP B 84 -15.08 4.69 -24.96
N GLU B 85 -13.80 5.07 -25.07
CA GLU B 85 -13.45 6.46 -25.35
C GLU B 85 -13.55 6.72 -26.87
N ASN B 86 -14.03 5.71 -27.63
CA ASN B 86 -14.27 5.76 -29.08
C ASN B 86 -15.78 5.64 -29.37
N GLU B 87 -16.63 5.86 -28.36
CA GLU B 87 -18.10 5.79 -28.46
C GLU B 87 -18.59 4.39 -28.89
N LYS B 88 -17.94 3.32 -28.38
CA LYS B 88 -18.29 1.93 -28.68
C LYS B 88 -18.50 1.19 -27.39
N VAL B 89 -19.59 0.40 -27.29
CA VAL B 89 -19.87 -0.40 -26.11
C VAL B 89 -19.09 -1.72 -26.28
N VAL B 90 -18.09 -1.95 -25.39
CA VAL B 90 -17.13 -3.07 -25.41
C VAL B 90 -17.17 -3.91 -24.13
N LEU B 91 -16.73 -5.17 -24.25
CA LEU B 91 -16.61 -6.11 -23.13
C LEU B 91 -15.12 -6.30 -22.94
N LYS B 92 -14.58 -5.61 -21.93
CA LYS B 92 -13.15 -5.61 -21.60
C LYS B 92 -12.92 -5.88 -20.13
N ASN B 93 -11.74 -6.43 -19.78
CA ASN B 93 -11.41 -6.67 -18.38
C ASN B 93 -10.86 -5.37 -17.86
N TYR B 94 -11.48 -4.85 -16.78
CA TYR B 94 -11.10 -3.57 -16.22
C TYR B 94 -10.23 -3.80 -14.98
N GLN B 95 -8.91 -3.59 -15.16
CA GLN B 95 -7.86 -3.84 -14.16
C GLN B 95 -7.98 -3.12 -12.82
N ASP B 96 -7.33 -3.73 -11.79
CA ASP B 96 -7.15 -3.25 -10.43
C ASP B 96 -8.45 -2.82 -9.76
N MET B 97 -9.49 -3.65 -9.89
CA MET B 97 -10.81 -3.32 -9.38
C MET B 97 -11.22 -4.02 -8.09
N VAL B 98 -10.71 -5.25 -7.88
CA VAL B 98 -11.03 -6.12 -6.76
C VAL B 98 -9.81 -6.48 -5.89
N VAL B 99 -9.97 -6.38 -4.57
CA VAL B 99 -8.93 -6.75 -3.60
C VAL B 99 -8.93 -8.27 -3.45
N GLU B 100 -7.80 -8.92 -3.73
CA GLU B 100 -7.68 -10.38 -3.56
C GLU B 100 -6.97 -10.72 -2.23
N GLY B 101 -6.06 -9.86 -1.80
CA GLY B 101 -5.31 -9.98 -0.56
C GLY B 101 -4.84 -8.63 -0.06
N CYS B 102 -4.71 -8.50 1.28
CA CYS B 102 -4.21 -7.29 1.94
C CYS B 102 -2.86 -7.55 2.52
N GLY B 103 -2.14 -6.47 2.81
CA GLY B 103 -0.80 -6.57 3.36
C GLY B 103 -0.30 -5.25 3.91
N CYS B 104 0.85 -5.33 4.55
CA CYS B 104 1.51 -4.21 5.20
C CYS B 104 2.58 -3.70 4.28
N ARG B 105 2.51 -2.42 3.92
CA ARG B 105 3.50 -1.81 3.03
C ARG B 105 4.04 -0.51 3.60
C1 NAG C . -1.94 -12.27 1.81
C2 NAG C . -3.32 -12.14 2.49
C3 NAG C . -4.09 -13.45 2.29
C4 NAG C . -4.27 -13.70 0.80
C5 NAG C . -2.86 -13.75 0.13
C6 NAG C . -2.84 -13.91 -1.38
C7 NAG C . -4.20 -10.68 4.31
C8 NAG C . -3.79 -10.20 5.66
N2 NAG C . -3.27 -11.51 3.80
O3 NAG C . -5.38 -13.23 2.81
O4 NAG C . -4.97 -14.94 0.72
O5 NAG C . -2.09 -12.54 0.43
O6 NAG C . -3.67 -12.95 -2.02
O7 NAG C . -5.21 -10.35 3.72
C1 NAG C . -5.82 -15.11 -0.44
C2 NAG C . -5.60 -16.46 -1.27
C3 NAG C . -6.50 -16.27 -2.51
C4 NAG C . -8.01 -16.17 -2.01
C5 NAG C . -8.10 -14.96 -1.08
C6 NAG C . -9.48 -14.63 -0.50
C7 NAG C . -3.32 -17.56 -0.99
C8 NAG C . -2.02 -17.62 -1.74
N2 NAG C . -4.23 -16.78 -1.67
O3 NAG C . -6.20 -17.27 -3.53
O4 NAG C . -8.90 -15.93 -3.10
O5 NAG C . -7.18 -15.11 0.01
O6 NAG C . -9.31 -13.62 0.53
O7 NAG C . -3.53 -18.11 0.11
C1 BMA C . -9.77 -17.04 -3.48
C2 BMA C . -10.75 -16.38 -4.47
C3 BMA C . -11.63 -17.45 -5.09
C4 BMA C . -10.75 -18.48 -5.86
C5 BMA C . -9.61 -19.11 -4.97
C6 BMA C . -8.53 -19.90 -5.78
O2 BMA C . -10.07 -15.66 -5.54
O3 BMA C . -12.57 -16.76 -5.95
O4 BMA C . -11.62 -19.52 -6.37
O5 BMA C . -8.97 -18.14 -4.05
O6 BMA C . -9.16 -20.50 -6.94
C1 MAN C . -13.72 -16.24 -5.25
C2 MAN C . -14.90 -16.26 -6.23
C3 MAN C . -14.66 -15.12 -7.30
C4 MAN C . -14.32 -13.69 -6.70
C5 MAN C . -13.19 -13.87 -5.65
C6 MAN C . -12.74 -12.56 -4.99
O2 MAN C . -16.17 -16.11 -5.51
O3 MAN C . -15.62 -15.15 -8.39
O4 MAN C . -13.86 -12.76 -7.70
O5 MAN C . -13.56 -14.89 -4.67
O6 MAN C . -11.72 -12.85 -4.02
C1 MAN C . -16.50 -17.06 -4.43
C2 MAN C . -18.05 -17.11 -4.35
C3 MAN C . -18.66 -15.75 -3.84
C4 MAN C . -17.81 -14.88 -2.80
C5 MAN C . -16.30 -15.25 -2.78
C6 MAN C . -15.55 -14.74 -1.51
O2 MAN C . -18.47 -18.28 -3.59
O3 MAN C . -20.02 -15.92 -3.35
O4 MAN C . -18.00 -13.45 -3.01
O5 MAN C . -16.03 -16.66 -3.10
O6 MAN C . -14.16 -14.43 -1.81
C1 MAN C . -8.44 -21.33 -7.90
C2 MAN C . -7.49 -20.43 -8.76
C3 MAN C . -8.30 -19.44 -9.66
C4 MAN C . -9.70 -19.89 -10.19
C5 MAN C . -10.17 -21.30 -9.73
C6 MAN C . -10.68 -22.12 -10.98
O2 MAN C . -6.50 -21.20 -9.49
O3 MAN C . -7.49 -18.96 -10.77
O4 MAN C . -10.72 -18.91 -9.97
O5 MAN C . -9.35 -22.09 -8.77
O6 MAN C . -9.76 -22.26 -12.09
C1 NAG D . 2.25 4.63 -10.96
C2 NAG D . 2.54 5.11 -12.44
C3 NAG D . 3.08 3.94 -13.35
C4 NAG D . 4.24 3.13 -12.70
C5 NAG D . 3.89 2.74 -11.22
C6 NAG D . 5.10 2.11 -10.49
C7 NAG D . 1.23 7.20 -13.11
C8 NAG D . -0.10 7.61 -13.70
N2 NAG D . 1.36 5.82 -12.98
O3 NAG D . 3.53 4.36 -14.67
O4 NAG D . 4.47 1.95 -13.52
O5 NAG D . 3.37 3.88 -10.45
O6 NAG D . 5.93 3.05 -9.77
O7 NAG D . 2.10 8.03 -12.80
#